data_6QN3
#
_entry.id   6QN3
#
_cell.length_a   76.502
_cell.length_b   115.725
_cell.length_c   80.582
_cell.angle_alpha   90.00
_cell.angle_beta   90.00
_cell.angle_gamma   90.00
#
_symmetry.space_group_name_H-M   'C 2 2 21'
#
loop_
_entity.id
_entity.type
_entity.pdbx_description
1 polymer 'RNA (51-MER)'
2 non-polymer 'MAGNESIUM ION'
3 non-polymer 'BROMIDE ION'
4 non-polymer GLUTAMINE
5 water water
#
_entity_poly.entity_id   1
_entity_poly.type   'polyribonucleotide'
_entity_poly.pdbx_seq_one_letter_code
;CGUUCACCCUUCGGGGCGCAUGAAAUGGGAGUAGGGAACGGGAUUCUCAU
;
_entity_poly.pdbx_strand_id   A,B
#
loop_
_chem_comp.id
_chem_comp.type
_chem_comp.name
_chem_comp.formula
A RNA linking ADENOSINE-5'-MONOPHOSPHATE 'C10 H14 N5 O7 P'
BR non-polymer 'BROMIDE ION' 'Br -1'
C RNA linking CYTIDINE-5'-MONOPHOSPHATE 'C9 H14 N3 O8 P'
G RNA linking GUANOSINE-5'-MONOPHOSPHATE 'C10 H14 N5 O8 P'
MG non-polymer 'MAGNESIUM ION' 'Mg 2'
U RNA linking URIDINE-5'-MONOPHOSPHATE 'C9 H13 N2 O9 P'
#
# COMPACT_ATOMS: atom_id res chain seq x y z
MG MG C . 21.40 16.22 1.79
BR BR D . 35.30 14.52 8.50
BR BR E . 31.65 16.87 9.02
MG MG F . -15.81 -14.75 -1.42
N GLN G . 10.04 14.89 3.73
CA GLN G . 10.65 13.88 4.58
C GLN G . 11.46 14.55 5.72
O GLN G . 11.36 15.75 5.99
CB GLN G . 11.54 12.94 3.75
CG GLN G . 12.03 11.71 4.53
CD GLN G . 13.00 10.85 3.75
OE1 GLN G . 13.38 11.15 2.63
NE2 GLN G . 13.43 9.75 4.36
OXT GLN G . 12.24 13.89 6.42
MG MG H . 13.51 14.52 8.33
MG MG I . -17.66 -16.04 -11.09
BR BR J . -32.83 -17.09 -14.13
BR BR K . -29.96 -18.76 -11.92
N GLN L . -10.50 -14.36 -2.80
CA GLN L . -11.55 -13.38 -2.55
C GLN L . -12.87 -14.11 -2.24
O GLN L . -13.91 -13.55 -1.88
CB GLN L . -11.68 -12.44 -3.77
CG GLN L . -12.59 -11.23 -3.56
CD GLN L . -12.82 -10.41 -4.83
OE1 GLN L . -12.43 -10.81 -5.93
NE2 GLN L . -13.45 -9.24 -4.67
OXT GLN L . -12.93 -15.34 -2.30
#